data_2RHY
#
_entry.id   2RHY
#
_cell.length_a   85.460
_cell.length_b   92.607
_cell.length_c   58.674
_cell.angle_alpha   90.00
_cell.angle_beta   90.00
_cell.angle_gamma   90.00
#
_symmetry.space_group_name_H-M   'P 21 21 2'
#
loop_
_entity.id
_entity.type
_entity.pdbx_description
1 polymer 'Lethal(3)malignant brain tumor-like protein'
2 non-polymer N-METHYL-LYSINE
3 non-polymer DI(HYDROXYETHYL)ETHER
4 water water
#
_entity_poly.entity_id   1
_entity_poly.type   'polypeptide(L)'
_entity_poly.pdbx_seq_one_letter_code
;GPLGSWSWESYLEEQKAITAPVSLFQDSQAVTHNKNGFKLGMKLEGIDPQHPSMYFILTVAEVCGYRLRLHFDGYSE
(CML)HDFWVNANSPDIHPAGWFEKTGHKLQPPKGYKEEEFSWSQYLRSTRAQAAPKHLFVSQSHSPPPLGFQVGMKLEA
VDRMNPSLVCVASVTDVVDSRFLVHFDNWDDTYDYWCDPSSPYIHPVGWCQKQGKPLTPPQDYPDPDNF(CML)WEKYLE
ETGASAVPTWAFKVRPPHSFLVNMKLEAVDRRNPALIRVASVEDVEDHRIKIHFDGWSHGYDFWIDADHPDIHPAGWCSK
TGHPLQPPLG
;
_entity_poly.pdbx_strand_id   A
#
loop_
_chem_comp.id
_chem_comp.type
_chem_comp.name
_chem_comp.formula
PEG non-polymer DI(HYDROXYETHYL)ETHER 'C4 H10 O3'
#
# COMPACT_ATOMS: atom_id res chain seq x y z
N SER A 5 24.59 16.56 15.67
CA SER A 5 23.72 15.89 14.66
C SER A 5 23.03 16.92 13.77
N TRP A 6 22.62 16.50 12.59
CA TRP A 6 21.92 17.38 11.66
C TRP A 6 20.63 17.78 12.33
N SER A 7 20.24 19.04 12.21
CA SER A 7 19.03 19.51 12.85
C SER A 7 18.01 20.10 11.89
N TRP A 8 16.75 19.68 12.02
CA TRP A 8 15.70 20.20 11.17
C TRP A 8 15.58 21.70 11.44
N GLU A 9 15.61 22.05 12.73
CA GLU A 9 15.51 23.44 13.16
C GLU A 9 16.57 24.31 12.49
N SER A 10 17.82 23.88 12.55
CA SER A 10 18.92 24.62 11.94
C SER A 10 18.72 24.71 10.43
N TYR A 11 18.27 23.61 9.83
CA TYR A 11 18.06 23.57 8.40
C TYR A 11 17.02 24.57 7.93
N LEU A 12 15.88 24.61 8.63
CA LEU A 12 14.82 25.53 8.25
C LEU A 12 15.31 26.98 8.34
N GLU A 13 16.10 27.28 9.37
CA GLU A 13 16.64 28.63 9.54
C GLU A 13 17.55 28.96 8.35
N GLU A 14 18.49 28.07 8.08
CA GLU A 14 19.42 28.24 6.97
C GLU A 14 18.71 28.43 5.63
N GLN A 15 17.69 27.61 5.39
CA GLN A 15 16.95 27.65 4.13
C GLN A 15 15.76 28.61 4.12
N LYS A 16 15.42 29.17 5.28
CA LYS A 16 14.26 30.07 5.37
C LYS A 16 13.09 29.26 4.82
N ALA A 17 12.93 28.06 5.36
CA ALA A 17 11.85 27.17 4.91
C ALA A 17 10.90 26.77 6.02
N ILE A 18 9.83 26.08 5.61
CA ILE A 18 8.81 25.59 6.54
C ILE A 18 8.58 24.10 6.27
N THR A 19 8.08 23.39 7.27
CA THR A 19 7.79 21.97 7.15
C THR A 19 6.31 21.80 6.82
N ALA A 20 5.95 20.62 6.32
CA ALA A 20 4.56 20.34 6.04
C ALA A 20 3.97 20.01 7.41
N PRO A 21 2.93 20.74 7.82
CA PRO A 21 2.32 20.49 9.14
C PRO A 21 1.85 19.04 9.29
N VAL A 22 1.90 18.53 10.52
CA VAL A 22 1.46 17.18 10.83
C VAL A 22 -0.01 16.96 10.41
N SER A 23 -0.81 18.01 10.54
CA SER A 23 -2.23 17.93 10.18
C SER A 23 -2.48 17.53 8.71
N LEU A 24 -1.49 17.72 7.85
CA LEU A 24 -1.67 17.36 6.44
C LEU A 24 -1.51 15.86 6.17
N PHE A 25 -0.98 15.14 7.15
CA PHE A 25 -0.73 13.71 7.02
C PHE A 25 -1.84 12.88 7.66
N GLN A 26 -1.97 11.62 7.22
CA GLN A 26 -2.94 10.71 7.82
C GLN A 26 -2.33 10.38 9.18
N ASP A 27 -3.15 10.07 10.17
CA ASP A 27 -2.59 9.74 11.47
C ASP A 27 -1.57 8.60 11.38
N SER A 28 -1.82 7.63 10.51
CA SER A 28 -0.91 6.49 10.38
C SER A 28 0.48 6.87 9.85
N GLN A 29 0.55 7.93 9.05
CA GLN A 29 1.82 8.39 8.52
C GLN A 29 2.56 9.20 9.57
N ALA A 30 1.81 9.83 10.46
CA ALA A 30 2.39 10.69 11.48
C ALA A 30 2.72 10.11 12.85
N VAL A 31 2.00 9.06 13.26
CA VAL A 31 2.21 8.49 14.59
C VAL A 31 3.63 8.02 14.86
N THR A 32 4.20 8.52 15.97
CA THR A 32 5.56 8.18 16.37
C THR A 32 5.70 7.54 17.75
N HIS A 33 4.65 7.55 18.56
CA HIS A 33 4.75 6.98 19.90
C HIS A 33 4.55 5.47 20.07
N ASN A 34 4.24 4.75 18.98
CA ASN A 34 4.05 3.31 19.08
C ASN A 34 5.40 2.58 19.05
N LYS A 35 5.52 1.57 19.90
CA LYS A 35 6.74 0.79 19.98
C LYS A 35 6.76 -0.24 18.85
N ASN A 36 7.93 -0.50 18.27
CA ASN A 36 8.03 -1.51 17.22
C ASN A 36 8.43 -2.79 17.93
N GLY A 37 7.48 -3.70 18.08
CA GLY A 37 7.76 -4.95 18.78
C GLY A 37 8.30 -6.07 17.93
N PHE A 38 8.42 -5.85 16.62
CA PHE A 38 8.94 -6.88 15.73
C PHE A 38 10.42 -7.14 15.97
N LYS A 39 10.80 -8.41 15.93
CA LYS A 39 12.19 -8.78 16.15
C LYS A 39 12.75 -9.63 15.04
N LEU A 40 14.05 -9.49 14.84
CA LEU A 40 14.80 -10.24 13.84
C LEU A 40 14.40 -11.71 13.93
N GLY A 41 14.01 -12.31 12.80
CA GLY A 41 13.65 -13.72 12.81
C GLY A 41 12.19 -14.11 13.00
N MET A 42 11.37 -13.21 13.53
CA MET A 42 9.97 -13.54 13.73
C MET A 42 9.31 -13.80 12.38
N LYS A 43 8.36 -14.73 12.34
CA LYS A 43 7.68 -15.07 11.10
C LYS A 43 6.23 -14.62 11.12
N LEU A 44 5.70 -14.33 9.94
CA LEU A 44 4.33 -13.84 9.82
C LEU A 44 3.77 -14.07 8.42
N GLU A 45 2.60 -13.50 8.16
CA GLU A 45 1.95 -13.63 6.85
C GLU A 45 1.82 -12.23 6.25
N GLY A 46 1.87 -12.14 4.93
CA GLY A 46 1.75 -10.84 4.30
C GLY A 46 1.54 -10.93 2.81
N ILE A 47 1.03 -9.88 2.19
CA ILE A 47 0.82 -9.93 0.76
C ILE A 47 2.14 -9.66 0.04
N ASP A 48 2.22 -10.15 -1.19
CA ASP A 48 3.38 -9.92 -2.03
C ASP A 48 3.10 -8.58 -2.71
N PRO A 49 3.93 -7.57 -2.47
CA PRO A 49 3.70 -6.26 -3.10
C PRO A 49 3.61 -6.35 -4.63
N GLN A 50 4.22 -7.39 -5.19
CA GLN A 50 4.22 -7.59 -6.64
C GLN A 50 2.98 -8.34 -7.10
N HIS A 51 2.37 -9.08 -6.18
CA HIS A 51 1.15 -9.84 -6.46
C HIS A 51 0.28 -9.69 -5.21
N PRO A 52 -0.32 -8.49 -5.05
CA PRO A 52 -1.18 -8.10 -3.93
C PRO A 52 -2.37 -8.98 -3.56
N SER A 53 -2.71 -9.95 -4.41
CA SER A 53 -3.83 -10.84 -4.10
C SER A 53 -3.31 -12.09 -3.40
N MET A 54 -1.99 -12.24 -3.38
CA MET A 54 -1.36 -13.42 -2.77
C MET A 54 -0.67 -13.21 -1.43
N TYR A 55 -0.78 -14.21 -0.57
CA TYR A 55 -0.21 -14.18 0.77
C TYR A 55 0.94 -15.16 0.89
N PHE A 56 2.01 -14.73 1.56
CA PHE A 56 3.22 -15.54 1.73
C PHE A 56 3.71 -15.56 3.17
N ILE A 57 4.57 -16.53 3.45
CA ILE A 57 5.20 -16.66 4.75
C ILE A 57 6.38 -15.69 4.70
N LEU A 58 6.48 -14.81 5.68
CA LEU A 58 7.54 -13.83 5.70
C LEU A 58 8.31 -13.82 7.02
N THR A 59 9.59 -13.47 6.94
CA THR A 59 10.43 -13.40 8.13
C THR A 59 11.00 -11.99 8.26
N VAL A 60 11.07 -11.50 9.48
CA VAL A 60 11.64 -10.19 9.72
C VAL A 60 13.16 -10.34 9.52
N ALA A 61 13.68 -9.67 8.52
CA ALA A 61 15.10 -9.75 8.20
C ALA A 61 15.90 -8.60 8.81
N GLU A 62 15.23 -7.49 9.09
CA GLU A 62 15.89 -6.33 9.67
C GLU A 62 14.89 -5.43 10.35
N VAL A 63 15.31 -4.78 11.43
CA VAL A 63 14.45 -3.86 12.14
C VAL A 63 15.18 -2.53 12.23
N CYS A 64 14.49 -1.45 11.92
CA CYS A 64 15.09 -0.12 11.98
C CYS A 64 14.02 0.90 12.34
N GLY A 65 14.09 1.45 13.54
CA GLY A 65 13.09 2.41 13.95
C GLY A 65 11.72 1.74 13.94
N TYR A 66 10.73 2.42 13.38
CA TYR A 66 9.37 1.92 13.31
C TYR A 66 9.14 1.13 12.02
N ARG A 67 10.23 0.71 11.38
CA ARG A 67 10.13 -0.04 10.14
C ARG A 67 10.78 -1.41 10.23
N LEU A 68 10.50 -2.26 9.25
CA LEU A 68 11.09 -3.58 9.21
C LEU A 68 11.24 -4.06 7.78
N ARG A 69 12.26 -4.89 7.55
CA ARG A 69 12.51 -5.44 6.22
C ARG A 69 12.02 -6.90 6.26
N LEU A 70 11.15 -7.24 5.33
CA LEU A 70 10.60 -8.60 5.25
C LEU A 70 11.22 -9.43 4.15
N HIS A 71 11.43 -10.70 4.45
CA HIS A 71 12.01 -11.68 3.53
C HIS A 71 11.08 -12.82 3.22
N PHE A 72 10.93 -13.18 1.94
CA PHE A 72 10.07 -14.27 1.52
C PHE A 72 10.79 -15.60 1.78
N ASP A 73 10.33 -16.32 2.79
CA ASP A 73 10.94 -17.60 3.13
C ASP A 73 11.23 -18.49 1.93
N GLY A 74 12.47 -18.94 1.84
CA GLY A 74 12.88 -19.81 0.76
C GLY A 74 13.23 -19.12 -0.55
N TYR A 75 12.89 -17.84 -0.68
CA TYR A 75 13.17 -17.13 -1.92
C TYR A 75 14.36 -16.20 -1.88
N SER A 76 14.70 -15.65 -3.04
CA SER A 76 15.82 -14.73 -3.18
C SER A 76 15.67 -13.47 -2.34
N GLU A 77 16.78 -12.99 -1.80
CA GLU A 77 16.77 -11.77 -0.98
C GLU A 77 16.42 -10.59 -1.86
O5 CML A 78 20.09 -13.56 -7.87
C4 CML A 78 20.07 -12.43 -7.34
O4 CML A 78 20.83 -12.04 -6.42
C3 CML A 78 19.02 -11.45 -7.87
C2 CML A 78 19.12 -10.13 -7.17
C1 CML A 78 18.33 -9.05 -7.94
O1 CML A 78 17.78 -9.40 -9.00
O2 CML A 78 18.32 -7.91 -7.45
SG CML A 78 18.58 -10.23 -5.44
CB CML A 78 16.76 -10.01 -5.51
CA CML A 78 16.26 -9.70 -4.08
C CML A 78 14.78 -9.29 -4.00
O CML A 78 14.35 -8.26 -4.44
N CML A 78 16.54 -10.80 -3.17
N HIS A 79 13.93 -10.13 -3.43
CA HIS A 79 12.51 -9.91 -3.23
C HIS A 79 12.20 -9.20 -1.92
N ASP A 80 13.19 -9.03 -1.05
CA ASP A 80 12.98 -8.36 0.23
C ASP A 80 12.35 -6.98 0.06
N PHE A 81 11.56 -6.60 1.05
CA PHE A 81 10.91 -5.29 1.02
C PHE A 81 10.68 -4.72 2.42
N TRP A 82 10.53 -3.40 2.50
CA TRP A 82 10.32 -2.70 3.77
C TRP A 82 8.89 -2.22 4.00
N VAL A 83 8.43 -2.30 5.26
CA VAL A 83 7.11 -1.82 5.64
C VAL A 83 7.23 -1.15 7.01
N ASN A 84 6.21 -0.39 7.39
CA ASN A 84 6.20 0.24 8.71
C ASN A 84 5.55 -0.78 9.63
N ALA A 85 5.82 -0.71 10.92
CA ALA A 85 5.25 -1.66 11.85
C ALA A 85 3.71 -1.59 11.92
N ASN A 86 3.13 -0.47 11.48
CA ASN A 86 1.67 -0.36 11.49
C ASN A 86 1.06 -0.67 10.13
N SER A 87 1.80 -1.42 9.30
CA SER A 87 1.31 -1.80 7.98
C SER A 87 0.08 -2.69 8.08
N PRO A 88 -0.93 -2.45 7.22
CA PRO A 88 -2.15 -3.26 7.24
C PRO A 88 -1.99 -4.44 6.29
N ASP A 89 -0.83 -4.52 5.65
CA ASP A 89 -0.56 -5.56 4.67
C ASP A 89 0.16 -6.78 5.20
N ILE A 90 0.32 -6.86 6.52
CA ILE A 90 0.94 -8.01 7.16
C ILE A 90 -0.06 -8.53 8.19
N HIS A 91 0.05 -9.80 8.54
CA HIS A 91 -0.88 -10.41 9.49
C HIS A 91 -0.16 -11.49 10.31
N PRO A 92 -0.73 -11.85 11.47
CA PRO A 92 -0.13 -12.88 12.34
C PRO A 92 -0.30 -14.28 11.77
N ALA A 93 0.64 -15.16 12.10
CA ALA A 93 0.58 -16.54 11.65
C ALA A 93 -0.79 -17.10 12.02
N GLY A 94 -1.42 -17.81 11.08
CA GLY A 94 -2.74 -18.36 11.34
C GLY A 94 -3.87 -17.50 10.81
N TRP A 95 -3.53 -16.29 10.39
CA TRP A 95 -4.54 -15.35 9.88
C TRP A 95 -5.27 -15.86 8.63
N PHE A 96 -4.52 -16.39 7.67
CA PHE A 96 -5.12 -16.88 6.43
C PHE A 96 -6.17 -17.93 6.70
N GLU A 97 -5.89 -18.78 7.68
CA GLU A 97 -6.78 -19.86 8.06
C GLU A 97 -8.06 -19.34 8.71
N LYS A 98 -7.92 -18.37 9.59
CA LYS A 98 -9.08 -17.79 10.28
C LYS A 98 -9.96 -16.89 9.42
N THR A 99 -9.41 -16.45 8.28
CA THR A 99 -10.17 -15.55 7.41
C THR A 99 -10.51 -16.10 6.04
N GLY A 100 -10.20 -17.37 5.79
CA GLY A 100 -10.51 -17.98 4.52
C GLY A 100 -9.62 -17.65 3.34
N HIS A 101 -8.42 -17.15 3.59
CA HIS A 101 -7.51 -16.84 2.50
C HIS A 101 -6.55 -17.99 2.24
N LYS A 102 -5.94 -17.99 1.07
CA LYS A 102 -5.00 -19.02 0.69
C LYS A 102 -3.56 -18.56 0.93
N LEU A 103 -2.73 -19.46 1.44
CA LEU A 103 -1.34 -19.12 1.73
C LEU A 103 -0.37 -19.88 0.85
N GLN A 104 0.48 -19.14 0.13
CA GLN A 104 1.48 -19.75 -0.72
C GLN A 104 2.55 -20.26 0.25
N PRO A 105 2.97 -21.53 0.10
CA PRO A 105 3.99 -22.07 1.00
C PRO A 105 5.40 -21.61 0.68
N PRO A 106 6.34 -21.78 1.61
CA PRO A 106 7.73 -21.37 1.36
C PRO A 106 8.26 -22.18 0.19
N LYS A 107 9.31 -21.69 -0.47
CA LYS A 107 9.89 -22.41 -1.59
C LYS A 107 10.31 -23.78 -1.02
N GLY A 108 9.98 -24.85 -1.74
CA GLY A 108 10.34 -26.18 -1.27
C GLY A 108 9.20 -26.93 -0.59
N TYR A 109 8.05 -26.27 -0.45
CA TYR A 109 6.90 -26.89 0.18
C TYR A 109 5.68 -27.00 -0.71
N LYS A 110 4.90 -28.04 -0.47
CA LYS A 110 3.65 -28.24 -1.18
C LYS A 110 2.71 -27.64 -0.15
N GLU A 111 1.58 -27.07 -0.59
CA GLU A 111 0.67 -26.43 0.34
C GLU A 111 0.12 -27.30 1.47
N GLU A 112 -0.02 -28.61 1.25
CA GLU A 112 -0.53 -29.49 2.30
C GLU A 112 0.56 -29.87 3.28
N GLU A 113 1.80 -29.72 2.86
CA GLU A 113 2.93 -30.04 3.72
C GLU A 113 3.13 -28.86 4.64
N PHE A 114 2.19 -27.91 4.62
CA PHE A 114 2.33 -26.75 5.48
C PHE A 114 1.37 -26.62 6.64
N SER A 115 1.96 -26.40 7.80
CA SER A 115 1.25 -26.17 9.03
C SER A 115 2.24 -25.31 9.77
N TRP A 116 1.76 -24.24 10.39
CA TRP A 116 2.64 -23.34 11.11
C TRP A 116 3.42 -24.04 12.22
N SER A 117 2.77 -24.98 12.91
CA SER A 117 3.43 -25.69 14.01
C SER A 117 4.66 -26.46 13.53
N GLN A 118 4.53 -27.26 12.48
CA GLN A 118 5.70 -28.01 12.01
C GLN A 118 6.76 -27.05 11.49
N TYR A 119 6.32 -26.07 10.69
CA TYR A 119 7.25 -25.10 10.13
C TYR A 119 8.08 -24.39 11.18
N LEU A 120 7.42 -23.88 12.23
CA LEU A 120 8.12 -23.16 13.29
C LEU A 120 9.11 -24.08 13.99
N ARG A 121 8.73 -25.34 14.14
CA ARG A 121 9.62 -26.30 14.79
C ARG A 121 10.83 -26.55 13.91
N SER A 122 10.60 -26.75 12.62
CA SER A 122 11.66 -27.01 11.64
C SER A 122 12.62 -25.85 11.41
N THR A 123 12.17 -24.65 11.72
CA THR A 123 13.01 -23.49 11.53
C THR A 123 13.38 -22.93 12.90
N ARG A 124 12.91 -23.60 13.95
CA ARG A 124 13.18 -23.17 15.32
C ARG A 124 12.95 -21.68 15.44
N ALA A 125 11.83 -21.22 14.91
CA ALA A 125 11.50 -19.81 14.95
C ALA A 125 10.26 -19.51 15.77
N GLN A 126 9.99 -18.23 15.96
CA GLN A 126 8.83 -17.76 16.70
C GLN A 126 7.96 -16.92 15.78
N ALA A 127 6.65 -17.08 15.87
CA ALA A 127 5.74 -16.29 15.04
C ALA A 127 5.58 -14.94 15.75
N ALA A 128 5.57 -13.85 14.97
CA ALA A 128 5.39 -12.54 15.57
C ALA A 128 4.05 -12.54 16.31
N PRO A 129 4.01 -12.04 17.55
CA PRO A 129 2.80 -12.00 18.36
C PRO A 129 1.63 -11.24 17.71
N LYS A 130 0.42 -11.72 17.99
CA LYS A 130 -0.80 -11.13 17.46
C LYS A 130 -1.00 -9.65 17.77
N HIS A 131 -0.68 -9.26 18.99
CA HIS A 131 -0.90 -7.87 19.39
C HIS A 131 -0.14 -6.81 18.60
N LEU A 132 0.83 -7.23 17.79
CA LEU A 132 1.62 -6.26 17.01
C LEU A 132 0.96 -5.86 15.68
N PHE A 133 -0.11 -6.55 15.31
CA PHE A 133 -0.77 -6.29 14.04
C PHE A 133 -2.03 -5.42 14.04
N VAL A 134 -2.03 -4.38 13.22
CA VAL A 134 -3.18 -3.48 13.12
C VAL A 134 -4.31 -4.16 12.35
N SER A 135 -3.94 -5.12 11.49
CA SER A 135 -4.93 -5.83 10.69
C SER A 135 -4.98 -7.33 11.01
N GLN A 136 -6.12 -7.77 11.55
CA GLN A 136 -6.33 -9.16 11.93
C GLN A 136 -7.75 -9.57 11.58
N SER A 137 -8.43 -8.71 10.81
CA SER A 137 -9.80 -8.95 10.41
C SER A 137 -10.72 -9.06 11.64
N HIS A 138 -10.67 -8.04 12.47
CA HIS A 138 -11.51 -7.97 13.67
C HIS A 138 -12.27 -6.66 13.59
N SER A 139 -11.78 -5.74 12.77
CA SER A 139 -12.43 -4.46 12.58
C SER A 139 -13.49 -4.57 11.48
N PRO A 140 -14.33 -3.54 11.36
CA PRO A 140 -15.40 -3.51 10.36
C PRO A 140 -14.95 -3.47 8.92
N PRO A 141 -15.74 -4.07 8.02
CA PRO A 141 -15.40 -4.10 6.59
C PRO A 141 -15.77 -2.75 5.98
N PRO A 142 -15.24 -2.44 4.79
CA PRO A 142 -15.58 -1.15 4.17
C PRO A 142 -17.06 -1.23 3.80
N LEU A 143 -17.80 -0.15 4.03
CA LEU A 143 -19.23 -0.17 3.75
C LEU A 143 -19.56 -0.14 2.27
N GLY A 144 -20.43 -1.06 1.84
CA GLY A 144 -20.86 -1.10 0.46
C GLY A 144 -19.94 -1.84 -0.52
N PHE A 145 -18.80 -2.32 -0.03
CA PHE A 145 -17.84 -3.03 -0.87
C PHE A 145 -17.71 -4.48 -0.45
N GLN A 146 -18.16 -5.39 -1.30
CA GLN A 146 -18.07 -6.81 -1.02
C GLN A 146 -17.39 -7.52 -2.19
N VAL A 147 -16.74 -8.63 -1.88
CA VAL A 147 -16.08 -9.42 -2.89
C VAL A 147 -17.09 -9.77 -3.98
N GLY A 148 -16.71 -9.56 -5.25
CA GLY A 148 -17.61 -9.87 -6.34
C GLY A 148 -18.27 -8.68 -7.04
N MET A 149 -18.32 -7.53 -6.36
CA MET A 149 -18.93 -6.35 -6.96
C MET A 149 -18.03 -5.77 -8.05
N LYS A 150 -18.65 -5.09 -9.02
CA LYS A 150 -17.94 -4.49 -10.15
C LYS A 150 -17.86 -2.97 -10.01
N LEU A 151 -16.85 -2.39 -10.65
CA LEU A 151 -16.65 -0.95 -10.61
C LEU A 151 -15.73 -0.56 -11.76
N GLU A 152 -15.43 0.73 -11.85
CA GLU A 152 -14.52 1.21 -12.86
C GLU A 152 -13.31 1.72 -12.07
N ALA A 153 -12.11 1.46 -12.57
CA ALA A 153 -10.93 1.90 -11.84
C ALA A 153 -9.76 2.30 -12.72
N VAL A 154 -9.03 3.31 -12.26
CA VAL A 154 -7.86 3.80 -12.96
C VAL A 154 -6.73 2.79 -12.79
N ASP A 155 -6.04 2.47 -13.88
CA ASP A 155 -4.91 1.56 -13.80
C ASP A 155 -3.79 2.49 -13.37
N ARG A 156 -3.37 2.39 -12.11
CA ARG A 156 -2.35 3.28 -11.60
C ARG A 156 -0.98 3.16 -12.26
N MET A 157 -0.80 2.15 -13.09
CA MET A 157 0.45 1.97 -13.81
C MET A 157 0.28 2.48 -15.24
N ASN A 158 -0.97 2.75 -15.60
CA ASN A 158 -1.35 3.26 -16.91
C ASN A 158 -2.55 4.16 -16.64
N PRO A 159 -2.36 5.24 -15.86
CA PRO A 159 -3.39 6.21 -15.48
C PRO A 159 -4.31 6.80 -16.54
N SER A 160 -4.00 6.59 -17.81
CA SER A 160 -4.88 7.12 -18.86
C SER A 160 -6.00 6.12 -19.11
N LEU A 161 -5.90 4.96 -18.45
CA LEU A 161 -6.88 3.90 -18.59
C LEU A 161 -7.78 3.73 -17.37
N VAL A 162 -9.09 3.76 -17.62
CA VAL A 162 -10.08 3.55 -16.58
C VAL A 162 -10.72 2.26 -17.06
N CYS A 163 -10.46 1.18 -16.34
CA CYS A 163 -10.93 -0.14 -16.74
C CYS A 163 -12.05 -0.79 -15.94
N VAL A 164 -12.63 -1.82 -16.54
CA VAL A 164 -13.67 -2.61 -15.91
C VAL A 164 -12.95 -3.34 -14.78
N ALA A 165 -13.44 -3.19 -13.56
CA ALA A 165 -12.79 -3.84 -12.41
C ALA A 165 -13.74 -4.54 -11.43
N SER A 166 -13.16 -5.33 -10.54
CA SER A 166 -13.93 -6.07 -9.55
C SER A 166 -13.26 -6.00 -8.19
N VAL A 167 -14.05 -6.23 -7.14
CA VAL A 167 -13.53 -6.27 -5.79
C VAL A 167 -13.28 -7.78 -5.58
N THR A 168 -12.04 -8.16 -5.29
CA THR A 168 -11.72 -9.58 -5.11
C THR A 168 -11.30 -10.00 -3.72
N ASP A 169 -11.11 -9.05 -2.82
CA ASP A 169 -10.71 -9.38 -1.46
C ASP A 169 -11.12 -8.22 -0.57
N VAL A 170 -11.45 -8.53 0.67
CA VAL A 170 -11.85 -7.51 1.62
C VAL A 170 -11.19 -7.86 2.95
N VAL A 171 -10.38 -6.94 3.46
CA VAL A 171 -9.68 -7.16 4.73
C VAL A 171 -9.86 -5.93 5.58
N ASP A 172 -10.48 -6.12 6.74
CA ASP A 172 -10.78 -5.03 7.66
C ASP A 172 -11.47 -3.89 6.93
N SER A 173 -10.89 -2.69 6.90
CA SER A 173 -11.58 -1.57 6.24
C SER A 173 -11.14 -1.31 4.81
N ARG A 174 -10.43 -2.24 4.21
CA ARG A 174 -9.97 -2.04 2.83
C ARG A 174 -10.39 -3.16 1.89
N PHE A 175 -10.22 -2.93 0.60
CA PHE A 175 -10.56 -3.95 -0.39
C PHE A 175 -9.56 -3.94 -1.52
N LEU A 176 -9.52 -5.03 -2.25
CA LEU A 176 -8.60 -5.18 -3.36
C LEU A 176 -9.32 -4.96 -4.69
N VAL A 177 -8.83 -4.00 -5.46
CA VAL A 177 -9.40 -3.70 -6.77
C VAL A 177 -8.65 -4.57 -7.78
N HIS A 178 -9.40 -5.31 -8.58
CA HIS A 178 -8.80 -6.20 -9.57
C HIS A 178 -9.28 -5.87 -10.97
N PHE A 179 -8.35 -5.93 -11.92
CA PHE A 179 -8.68 -5.64 -13.31
C PHE A 179 -9.10 -6.92 -14.03
N ASP A 180 -10.39 -6.99 -14.34
CA ASP A 180 -10.99 -8.13 -15.00
C ASP A 180 -10.20 -8.71 -16.16
N ASN A 181 -9.98 -10.01 -16.06
CA ASN A 181 -9.24 -10.82 -17.03
C ASN A 181 -7.76 -10.54 -17.18
N TRP A 182 -7.16 -9.95 -16.15
CA TRP A 182 -5.72 -9.71 -16.15
C TRP A 182 -5.30 -10.53 -14.94
N ASP A 183 -4.01 -10.70 -14.71
CA ASP A 183 -3.61 -11.42 -13.51
C ASP A 183 -3.71 -10.35 -12.43
N ASP A 184 -3.09 -10.56 -11.27
CA ASP A 184 -3.20 -9.57 -10.20
C ASP A 184 -2.09 -8.52 -10.19
N THR A 185 -1.24 -8.50 -11.21
CA THR A 185 -0.14 -7.54 -11.22
C THR A 185 -0.56 -6.07 -11.19
N TYR A 186 -1.76 -5.76 -11.67
CA TYR A 186 -2.25 -4.37 -11.68
C TYR A 186 -3.22 -4.07 -10.54
N ASP A 187 -3.47 -5.05 -9.69
CA ASP A 187 -4.39 -4.85 -8.59
C ASP A 187 -3.79 -3.97 -7.49
N TYR A 188 -4.65 -3.34 -6.71
CA TYR A 188 -4.19 -2.53 -5.60
C TYR A 188 -5.25 -2.42 -4.52
N TRP A 189 -4.78 -2.34 -3.28
CA TRP A 189 -5.66 -2.23 -2.13
C TRP A 189 -5.99 -0.76 -1.94
N CYS A 190 -7.20 -0.48 -1.47
CA CYS A 190 -7.58 0.89 -1.20
C CYS A 190 -8.85 0.90 -0.37
N ASP A 191 -9.38 2.09 -0.08
CA ASP A 191 -10.59 2.20 0.71
C ASP A 191 -11.63 2.97 -0.08
N PRO A 192 -12.86 3.07 0.43
CA PRO A 192 -13.95 3.78 -0.25
C PRO A 192 -13.67 5.21 -0.73
N SER A 193 -12.66 5.87 -0.17
CA SER A 193 -12.36 7.24 -0.55
C SER A 193 -11.30 7.39 -1.63
N SER A 194 -10.82 6.28 -2.17
CA SER A 194 -9.81 6.33 -3.21
C SER A 194 -10.27 7.16 -4.41
N PRO A 195 -9.42 8.07 -4.88
CA PRO A 195 -9.79 8.91 -6.02
C PRO A 195 -9.60 8.17 -7.34
N TYR A 196 -9.18 6.91 -7.26
CA TYR A 196 -8.93 6.10 -8.44
C TYR A 196 -10.05 5.14 -8.83
N ILE A 197 -11.11 5.10 -8.03
CA ILE A 197 -12.22 4.21 -8.32
C ILE A 197 -13.54 4.97 -8.52
N HIS A 198 -14.40 4.44 -9.39
CA HIS A 198 -15.69 5.06 -9.69
C HIS A 198 -16.78 4.01 -9.86
N PRO A 199 -18.05 4.40 -9.67
CA PRO A 199 -19.12 3.41 -9.84
C PRO A 199 -19.31 3.07 -11.33
N VAL A 200 -19.93 1.93 -11.59
CA VAL A 200 -20.18 1.48 -12.95
C VAL A 200 -20.92 2.61 -13.69
N GLY A 201 -20.53 2.87 -14.93
CA GLY A 201 -21.19 3.89 -15.72
C GLY A 201 -20.57 5.28 -15.60
N TRP A 202 -19.55 5.40 -14.76
CA TRP A 202 -18.88 6.68 -14.56
C TRP A 202 -18.26 7.21 -15.85
N CYS A 203 -17.45 6.38 -16.51
CA CYS A 203 -16.79 6.78 -17.76
C CYS A 203 -17.80 7.32 -18.77
N GLN A 204 -18.97 6.69 -18.82
CA GLN A 204 -20.00 7.09 -19.76
C GLN A 204 -20.58 8.46 -19.43
N LYS A 205 -20.83 8.72 -18.15
CA LYS A 205 -21.37 10.00 -17.72
C LYS A 205 -20.32 11.10 -17.85
N GLN A 206 -19.07 10.69 -17.99
CA GLN A 206 -17.96 11.64 -18.11
C GLN A 206 -17.55 11.92 -19.54
N GLY A 207 -17.93 11.03 -20.45
CA GLY A 207 -17.56 11.22 -21.83
C GLY A 207 -16.14 10.69 -22.03
N LYS A 208 -15.66 9.96 -21.03
CA LYS A 208 -14.32 9.38 -21.11
C LYS A 208 -14.47 7.93 -21.54
N PRO A 209 -13.52 7.41 -22.33
CA PRO A 209 -13.65 6.02 -22.76
C PRO A 209 -13.43 5.03 -21.61
N LEU A 210 -14.08 3.89 -21.72
CA LEU A 210 -13.95 2.82 -20.73
C LEU A 210 -13.15 1.72 -21.38
N THR A 211 -12.20 1.16 -20.64
CA THR A 211 -11.38 0.07 -21.17
C THR A 211 -11.97 -1.25 -20.68
N PRO A 212 -12.45 -2.09 -21.62
CA PRO A 212 -13.04 -3.38 -21.26
C PRO A 212 -12.02 -4.43 -20.85
N PRO A 213 -12.48 -5.53 -20.22
CA PRO A 213 -11.61 -6.62 -19.78
C PRO A 213 -10.66 -7.05 -20.88
N GLN A 214 -9.50 -7.55 -20.51
CA GLN A 214 -8.51 -8.00 -21.49
C GLN A 214 -9.11 -9.01 -22.45
N ASP A 215 -8.88 -8.79 -23.74
CA ASP A 215 -9.36 -9.67 -24.79
C ASP A 215 -10.87 -9.89 -24.78
N TYR A 216 -11.64 -8.91 -24.31
CA TYR A 216 -13.09 -9.05 -24.30
C TYR A 216 -13.55 -9.04 -25.76
N PRO A 217 -14.37 -10.03 -26.16
CA PRO A 217 -14.86 -10.09 -27.53
C PRO A 217 -15.63 -8.85 -27.98
N ASP A 218 -15.28 -8.35 -29.16
CA ASP A 218 -15.92 -7.16 -29.73
C ASP A 218 -15.90 -6.05 -28.69
N PRO A 219 -14.70 -5.71 -28.19
CA PRO A 219 -14.41 -4.69 -27.18
C PRO A 219 -15.07 -3.35 -27.45
N ASP A 220 -15.07 -2.95 -28.72
CA ASP A 220 -15.65 -1.69 -29.13
C ASP A 220 -17.11 -1.55 -28.69
N ASN A 221 -17.78 -2.67 -28.43
CA ASN A 221 -19.18 -2.62 -28.04
C ASN A 221 -19.49 -3.18 -26.65
N PHE A 222 -18.60 -2.92 -25.70
CA PHE A 222 -18.79 -3.40 -24.33
C PHE A 222 -20.00 -2.70 -23.70
O5 CML A 223 -26.49 -1.44 -25.03
C4 CML A 223 -27.06 -1.58 -23.92
O4 CML A 223 -28.08 -2.27 -23.72
C3 CML A 223 -26.45 -0.85 -22.72
C2 CML A 223 -25.00 -1.25 -22.54
C1 CML A 223 -24.45 -0.51 -21.33
O1 CML A 223 -24.62 -1.05 -20.21
O2 CML A 223 -23.87 0.58 -21.53
SG CML A 223 -24.85 -3.05 -22.28
CB CML A 223 -23.29 -3.42 -23.17
CA CML A 223 -22.05 -2.99 -22.39
C CML A 223 -22.11 -3.51 -20.96
O CML A 223 -22.25 -4.72 -20.75
N CML A 223 -20.85 -3.50 -23.06
N TRP A 224 -22.00 -2.61 -20.00
CA TRP A 224 -22.02 -2.97 -18.59
C TRP A 224 -23.20 -3.84 -18.17
N GLU A 225 -24.42 -3.45 -18.57
CA GLU A 225 -25.59 -4.23 -18.19
C GLU A 225 -25.48 -5.66 -18.70
N LYS A 226 -24.92 -5.82 -19.89
CA LYS A 226 -24.76 -7.14 -20.48
C LYS A 226 -23.69 -7.94 -19.73
N TYR A 227 -22.58 -7.29 -19.42
CA TYR A 227 -21.47 -7.94 -18.71
C TYR A 227 -21.94 -8.36 -17.31
N LEU A 228 -22.70 -7.50 -16.66
CA LEU A 228 -23.21 -7.81 -15.33
C LEU A 228 -24.20 -8.97 -15.39
N GLU A 229 -24.91 -9.06 -16.51
CA GLU A 229 -25.87 -10.13 -16.66
C GLU A 229 -25.10 -11.43 -16.89
N GLU A 230 -24.06 -11.34 -17.72
CA GLU A 230 -23.22 -12.51 -18.03
C GLU A 230 -22.54 -13.06 -16.79
N THR A 231 -22.11 -12.17 -15.90
CA THR A 231 -21.40 -12.57 -14.70
C THR A 231 -22.31 -12.76 -13.47
N GLY A 232 -23.53 -12.23 -13.53
CA GLY A 232 -24.43 -12.35 -12.40
C GLY A 232 -23.92 -11.49 -11.25
N ALA A 233 -22.99 -10.60 -11.55
CA ALA A 233 -22.40 -9.72 -10.55
C ALA A 233 -23.16 -8.40 -10.44
N SER A 234 -23.11 -7.79 -9.27
CA SER A 234 -23.77 -6.51 -9.09
C SER A 234 -22.71 -5.42 -8.99
N ALA A 235 -23.12 -4.18 -9.26
CA ALA A 235 -22.19 -3.07 -9.21
C ALA A 235 -22.07 -2.55 -7.78
N VAL A 236 -20.88 -2.10 -7.41
CA VAL A 236 -20.73 -1.50 -6.09
C VAL A 236 -21.73 -0.35 -6.15
N PRO A 237 -22.59 -0.21 -5.14
CA PRO A 237 -23.55 0.90 -5.18
C PRO A 237 -22.90 2.26 -5.10
N THR A 238 -23.48 3.22 -5.82
CA THR A 238 -22.95 4.59 -5.86
C THR A 238 -22.77 5.24 -4.50
N TRP A 239 -23.68 4.98 -3.56
CA TRP A 239 -23.57 5.59 -2.24
C TRP A 239 -22.29 5.20 -1.50
N ALA A 240 -21.67 4.10 -1.93
CA ALA A 240 -20.46 3.60 -1.29
C ALA A 240 -19.20 4.42 -1.58
N PHE A 241 -19.16 5.10 -2.71
CA PHE A 241 -18.00 5.90 -3.11
C PHE A 241 -17.98 7.27 -2.41
N LYS A 242 -17.04 7.44 -1.50
CA LYS A 242 -16.88 8.70 -0.75
C LYS A 242 -15.48 9.25 -0.96
N VAL A 243 -15.18 9.74 -2.16
CA VAL A 243 -13.86 10.25 -2.45
C VAL A 243 -13.37 11.31 -1.46
N ARG A 244 -12.09 11.23 -1.14
CA ARG A 244 -11.46 12.13 -0.19
C ARG A 244 -11.22 13.52 -0.78
N PRO A 245 -11.09 14.52 0.09
CA PRO A 245 -10.86 15.90 -0.34
C PRO A 245 -9.41 16.02 -0.79
N PRO A 246 -9.11 16.92 -1.74
CA PRO A 246 -7.72 17.04 -2.18
C PRO A 246 -6.86 17.37 -0.96
N HIS A 247 -5.58 17.00 -0.99
CA HIS A 247 -4.69 17.25 0.14
C HIS A 247 -4.29 18.73 0.15
N SER A 248 -3.65 19.16 1.23
CA SER A 248 -3.24 20.56 1.33
C SER A 248 -1.73 20.79 1.37
N PHE A 249 -0.96 19.88 0.79
CA PHE A 249 0.49 20.04 0.73
C PHE A 249 0.77 21.15 -0.28
N LEU A 250 1.63 22.10 0.08
CA LEU A 250 1.97 23.21 -0.82
C LEU A 250 3.43 23.07 -1.22
N VAL A 251 3.76 23.51 -2.43
CA VAL A 251 5.14 23.43 -2.89
C VAL A 251 6.12 24.07 -1.91
N ASN A 252 7.31 23.49 -1.82
CA ASN A 252 8.38 23.94 -0.94
C ASN A 252 8.28 23.50 0.52
N MET A 253 7.14 22.93 0.91
CA MET A 253 7.04 22.45 2.29
C MET A 253 8.02 21.29 2.40
N LYS A 254 8.67 21.17 3.55
CA LYS A 254 9.62 20.08 3.71
C LYS A 254 9.07 18.96 4.56
N LEU A 255 9.60 17.75 4.34
CA LEU A 255 9.16 16.56 5.05
C LEU A 255 10.23 15.48 4.93
N GLU A 256 9.86 14.26 5.32
CA GLU A 256 10.76 13.10 5.25
C GLU A 256 10.14 12.03 4.36
N ALA A 257 10.96 11.41 3.51
CA ALA A 257 10.43 10.37 2.63
C ALA A 257 11.43 9.24 2.40
N VAL A 258 10.90 8.03 2.28
CA VAL A 258 11.72 6.86 2.03
C VAL A 258 12.30 6.99 0.63
N ASP A 259 13.57 6.65 0.48
CA ASP A 259 14.25 6.70 -0.81
C ASP A 259 13.73 5.57 -1.68
N ARG A 260 13.32 5.87 -2.89
CA ARG A 260 12.78 4.83 -3.77
C ARG A 260 13.82 3.98 -4.47
N ARG A 261 15.07 4.40 -4.44
CA ARG A 261 16.12 3.63 -5.08
C ARG A 261 16.73 2.68 -4.05
N ASN A 262 16.84 3.16 -2.82
CA ASN A 262 17.34 2.35 -1.73
C ASN A 262 16.37 2.50 -0.54
N PRO A 263 15.32 1.67 -0.49
CA PRO A 263 14.29 1.68 0.55
C PRO A 263 14.76 1.66 2.01
N ALA A 264 16.01 1.28 2.25
CA ALA A 264 16.51 1.26 3.61
C ALA A 264 16.66 2.69 4.12
N LEU A 265 16.86 3.61 3.20
CA LEU A 265 17.08 5.01 3.56
C LEU A 265 15.86 5.92 3.51
N ILE A 266 15.89 6.92 4.38
CA ILE A 266 14.84 7.94 4.45
C ILE A 266 15.61 9.25 4.41
N ARG A 267 15.19 10.14 3.52
CA ARG A 267 15.89 11.42 3.36
C ARG A 267 15.05 12.66 3.56
N VAL A 268 15.75 13.78 3.77
CA VAL A 268 15.13 15.09 3.90
C VAL A 268 14.52 15.38 2.52
N ALA A 269 13.28 15.83 2.50
CA ALA A 269 12.60 16.08 1.23
C ALA A 269 11.75 17.36 1.19
N SER A 270 11.42 17.77 -0.03
CA SER A 270 10.59 18.95 -0.27
C SER A 270 9.51 18.62 -1.29
N VAL A 271 8.39 19.33 -1.21
CA VAL A 271 7.28 19.15 -2.16
C VAL A 271 7.64 20.01 -3.37
N GLU A 272 7.88 19.34 -4.50
CA GLU A 272 8.26 20.02 -5.75
C GLU A 272 7.05 20.51 -6.55
N ASP A 273 5.98 19.73 -6.54
CA ASP A 273 4.77 20.11 -7.24
C ASP A 273 3.60 19.35 -6.65
N VAL A 274 2.39 19.77 -6.97
CA VAL A 274 1.20 19.10 -6.43
C VAL A 274 0.08 18.93 -7.43
N GLU A 275 -0.83 18.01 -7.09
CA GLU A 275 -2.02 17.72 -7.85
C GLU A 275 -3.06 17.63 -6.75
N ASP A 276 -4.28 17.27 -7.12
CA ASP A 276 -5.35 17.13 -6.14
C ASP A 276 -5.05 16.06 -5.11
N HIS A 277 -4.45 14.96 -5.56
CA HIS A 277 -4.23 13.81 -4.67
C HIS A 277 -2.80 13.29 -4.59
N ARG A 278 -1.89 13.93 -5.30
CA ARG A 278 -0.50 13.51 -5.29
C ARG A 278 0.44 14.69 -5.12
N ILE A 279 1.65 14.40 -4.66
CA ILE A 279 2.67 15.43 -4.49
C ILE A 279 3.93 14.90 -5.14
N LYS A 280 4.71 15.79 -5.71
CA LYS A 280 5.96 15.38 -6.35
C LYS A 280 7.05 15.63 -5.32
N ILE A 281 7.77 14.56 -4.97
CA ILE A 281 8.84 14.61 -3.99
C ILE A 281 10.20 14.91 -4.61
N HIS A 282 10.93 15.81 -3.97
CA HIS A 282 12.28 16.16 -4.40
C HIS A 282 13.21 15.93 -3.20
N PHE A 283 14.33 15.25 -3.43
CA PHE A 283 15.27 15.03 -2.34
C PHE A 283 16.30 16.14 -2.32
N ASP A 284 16.22 16.98 -1.30
CA ASP A 284 17.13 18.12 -1.11
C ASP A 284 18.58 17.76 -1.38
N GLY A 285 19.24 18.55 -2.23
CA GLY A 285 20.63 18.30 -2.53
C GLY A 285 20.88 17.33 -3.66
N TRP A 286 19.83 16.66 -4.14
CA TRP A 286 19.99 15.70 -5.22
C TRP A 286 19.40 16.22 -6.51
N SER A 287 19.74 15.54 -7.60
CA SER A 287 19.24 15.91 -8.92
C SER A 287 17.72 15.81 -8.97
N HIS A 288 17.08 16.74 -9.68
CA HIS A 288 15.64 16.74 -9.84
C HIS A 288 15.21 15.53 -10.66
N GLY A 289 16.19 14.86 -11.27
CA GLY A 289 15.88 13.70 -12.07
C GLY A 289 15.30 12.60 -11.20
N TYR A 290 15.61 12.67 -9.89
CA TYR A 290 15.13 11.69 -8.92
C TYR A 290 13.75 12.01 -8.37
N ASP A 291 13.25 13.21 -8.68
CA ASP A 291 11.94 13.63 -8.21
C ASP A 291 10.89 12.60 -8.65
N PHE A 292 9.89 12.36 -7.80
CA PHE A 292 8.85 11.39 -8.15
C PHE A 292 7.50 11.74 -7.58
N TRP A 293 6.45 11.35 -8.31
CA TRP A 293 5.09 11.60 -7.86
C TRP A 293 4.71 10.49 -6.90
N ILE A 294 3.93 10.84 -5.90
CA ILE A 294 3.49 9.84 -4.93
C ILE A 294 2.17 10.31 -4.35
N ASP A 295 1.31 9.35 -4.05
CA ASP A 295 0.02 9.67 -3.47
C ASP A 295 0.23 10.27 -2.09
N ALA A 296 -0.58 11.27 -1.75
CA ALA A 296 -0.47 11.94 -0.47
C ALA A 296 -0.70 11.04 0.75
N ASP A 297 -1.36 9.90 0.54
CA ASP A 297 -1.63 8.97 1.64
C ASP A 297 -0.66 7.78 1.63
N HIS A 298 0.43 7.89 0.86
CA HIS A 298 1.38 6.78 0.80
C HIS A 298 2.02 6.58 2.17
N PRO A 299 2.18 5.32 2.60
CA PRO A 299 2.79 5.10 3.90
C PRO A 299 4.26 5.51 4.05
N ASP A 300 4.93 5.79 2.93
CA ASP A 300 6.35 6.15 3.01
C ASP A 300 6.75 7.63 2.99
N ILE A 301 5.82 8.52 3.34
CA ILE A 301 6.14 9.94 3.46
C ILE A 301 5.68 10.27 4.88
N HIS A 302 6.46 11.10 5.56
CA HIS A 302 6.18 11.45 6.95
C HIS A 302 6.53 12.89 7.26
N PRO A 303 6.01 13.40 8.38
CA PRO A 303 6.32 14.79 8.74
C PRO A 303 7.73 14.87 9.32
N ALA A 304 8.30 16.07 9.27
CA ALA A 304 9.63 16.28 9.82
C ALA A 304 9.62 15.84 11.28
N GLY A 305 10.67 15.14 11.70
CA GLY A 305 10.77 14.66 13.07
C GLY A 305 10.39 13.20 13.26
N TRP A 306 9.80 12.60 12.22
CA TRP A 306 9.37 11.21 12.30
C TRP A 306 10.55 10.27 12.57
N CYS A 307 11.63 10.42 11.81
CA CYS A 307 12.80 9.57 11.98
C CYS A 307 13.38 9.69 13.39
N SER A 308 13.57 10.92 13.85
CA SER A 308 14.11 11.15 15.18
C SER A 308 13.26 10.51 16.29
N LYS A 309 11.95 10.75 16.22
CA LYS A 309 11.05 10.22 17.23
C LYS A 309 10.87 8.70 17.21
N THR A 310 11.07 8.10 16.05
CA THR A 310 10.91 6.65 15.92
C THR A 310 12.23 5.88 16.03
N GLY A 311 13.35 6.58 15.94
CA GLY A 311 14.64 5.92 16.05
C GLY A 311 15.21 5.40 14.73
N HIS A 312 14.86 6.07 13.64
CA HIS A 312 15.34 5.68 12.31
C HIS A 312 16.31 6.75 11.83
N PRO A 313 17.45 6.36 11.25
CA PRO A 313 18.40 7.37 10.77
C PRO A 313 17.77 8.20 9.64
N LEU A 314 18.10 9.49 9.61
CA LEU A 314 17.61 10.38 8.57
C LEU A 314 18.81 10.88 7.76
N GLN A 315 18.76 10.72 6.44
CA GLN A 315 19.87 11.17 5.60
C GLN A 315 19.70 12.65 5.29
N PRO A 316 20.68 13.49 5.70
CA PRO A 316 20.60 14.92 5.44
C PRO A 316 20.83 15.20 3.95
N PRO A 317 20.51 16.41 3.49
CA PRO A 317 20.68 16.80 2.08
C PRO A 317 22.05 16.46 1.52
N LEU A 318 22.08 15.97 0.29
CA LEU A 318 23.33 15.62 -0.37
C LEU A 318 24.25 16.83 -0.29
N GLY A 319 25.31 16.72 0.50
CA GLY A 319 26.24 17.83 0.66
C GLY A 319 25.78 18.77 1.76
N MLZ B . 0.72 -2.14 -22.53
CA MLZ B . 0.18 -3.04 -21.47
CB MLZ B . -0.99 -2.36 -20.75
CG MLZ B . -1.55 -3.13 -19.58
CD MLZ B . -2.77 -2.40 -19.02
CE MLZ B . -3.42 -3.17 -17.89
NZ MLZ B . -4.60 -2.43 -17.39
CM MLZ B . -5.27 -3.12 -16.28
C MLZ B . -0.31 -4.36 -22.10
O MLZ B . 0.20 -5.43 -21.69
OXT MLZ B . -1.17 -4.30 -22.98
C1 PEG C . 8.18 6.38 22.68
O1 PEG C . 9.37 7.17 22.84
C2 PEG C . 8.23 5.68 21.32
O2 PEG C . 9.39 4.82 21.27
C3 PEG C . 9.93 4.86 19.94
C4 PEG C . 11.22 5.68 19.92
O4 PEG C . 12.28 4.93 20.53
#